data_3CPF
#
_entry.id   3CPF
#
_cell.length_a   76.119
_cell.length_b   76.119
_cell.length_c   107.752
_cell.angle_alpha   90.000
_cell.angle_beta   90.000
_cell.angle_gamma   90.000
#
_symmetry.space_group_name_H-M   'P 41 21 2'
#
loop_
_entity.id
_entity.type
_entity.pdbx_description
1 polymer 'Eukaryotic translation initiation factor 5A-1'
2 non-polymer 'UNKNOWN ATOM OR ION'
3 water water
#
_entity_poly.entity_id   1
_entity_poly.type   'polypeptide(L)'
_entity_poly.pdbx_seq_one_letter_code
;GSATFPMQCSALRKNGFVVLKGRPCKIVEMSTSKTGKHGHAKVHLVGIDIFTGKKYEDICPSTHNMDVPNIKRNDFQLIG
IQDGYLSLLQDSGEVREDLRLPEGDLGKEIEQKYDCGEEILITVLSAMTEEAAVAIKA
;
_entity_poly.pdbx_strand_id   A,B
#
loop_
_chem_comp.id
_chem_comp.type
_chem_comp.name
_chem_comp.formula
UNX non-polymer 'UNKNOWN ATOM OR ION' ?
#
# COMPACT_ATOMS: atom_id res chain seq x y z
N SER A 2 27.06 -20.40 19.75
CA SER A 2 28.13 -20.68 18.74
C SER A 2 27.84 -19.92 17.43
N ALA A 3 28.85 -19.19 16.98
CA ALA A 3 28.72 -18.39 15.74
C ALA A 3 28.34 -19.24 14.53
N THR A 4 28.97 -20.40 14.44
CA THR A 4 28.76 -21.29 13.30
C THR A 4 28.70 -22.72 13.70
N PHE A 5 28.08 -23.53 12.87
CA PHE A 5 28.07 -24.98 13.09
C PHE A 5 28.31 -25.71 11.77
N PRO A 6 28.94 -26.89 11.83
CA PRO A 6 29.26 -27.59 10.61
C PRO A 6 28.09 -28.38 10.04
N MET A 7 28.13 -28.56 8.75
CA MET A 7 27.10 -29.28 8.04
C MET A 7 27.61 -29.90 6.76
N GLN A 8 27.09 -31.07 6.44
CA GLN A 8 27.55 -31.78 5.26
C GLN A 8 27.12 -31.05 4.02
N CYS A 9 27.99 -31.08 3.04
CA CYS A 9 27.76 -30.37 1.78
C CYS A 9 26.45 -30.81 1.14
N SER A 10 26.24 -32.11 1.12
CA SER A 10 25.05 -32.68 0.49
C SER A 10 23.79 -32.17 1.15
N ALA A 11 23.93 -31.82 2.43
CA ALA A 11 22.81 -31.34 3.28
C ALA A 11 22.48 -29.86 3.06
N LEU A 12 23.48 -29.12 2.59
CA LEU A 12 23.27 -27.70 2.26
C LEU A 12 22.12 -27.57 1.27
N ARG A 13 21.48 -26.41 1.33
CA ARG A 13 20.27 -26.15 0.52
C ARG A 13 20.18 -24.72 -0.02
N LYS A 14 19.66 -24.62 -1.22
CA LYS A 14 19.33 -23.34 -1.85
C LYS A 14 18.45 -22.59 -0.86
N ASN A 15 18.72 -21.29 -0.76
CA ASN A 15 18.05 -20.39 0.20
C ASN A 15 18.44 -20.65 1.63
N GLY A 16 19.25 -21.68 1.80
CA GLY A 16 19.88 -21.97 3.08
C GLY A 16 21.10 -21.11 3.17
N PHE A 17 21.97 -21.46 4.11
CA PHE A 17 23.10 -20.59 4.43
C PHE A 17 24.37 -21.33 4.63
N VAL A 18 25.45 -20.66 4.28
CA VAL A 18 26.79 -21.20 4.46
C VAL A 18 27.78 -20.07 4.66
N VAL A 19 28.91 -20.44 5.21
CA VAL A 19 29.97 -19.50 5.44
C VAL A 19 30.95 -19.73 4.36
N LEU A 20 31.28 -18.66 3.66
CA LEU A 20 32.23 -18.69 2.56
C LEU A 20 33.28 -17.60 2.75
N LYS A 21 34.51 -18.04 2.84
CA LYS A 21 35.65 -17.15 3.10
C LYS A 21 35.35 -16.25 4.25
N GLY A 22 34.86 -16.86 5.31
CA GLY A 22 34.62 -16.18 6.59
C GLY A 22 33.34 -15.36 6.58
N ARG A 23 32.72 -15.25 5.43
CA ARG A 23 31.47 -14.49 5.37
C ARG A 23 30.22 -15.36 5.39
N PRO A 24 29.16 -14.91 6.09
CA PRO A 24 27.87 -15.59 6.02
C PRO A 24 27.15 -15.28 4.75
N CYS A 25 26.79 -16.34 4.02
CA CYS A 25 26.14 -16.23 2.72
C CYS A 25 24.91 -17.05 2.60
N LYS A 26 24.02 -16.55 1.76
CA LYS A 26 22.80 -17.25 1.42
C LYS A 26 23.03 -17.95 0.11
N ILE A 27 22.70 -19.23 0.08
CA ILE A 27 22.92 -20.03 -1.15
C ILE A 27 21.85 -19.72 -2.18
N VAL A 28 22.32 -19.37 -3.37
CA VAL A 28 21.47 -19.00 -4.49
C VAL A 28 21.63 -19.94 -5.69
N GLU A 29 22.65 -20.78 -5.62
CA GLU A 29 22.89 -21.76 -6.66
C GLU A 29 23.64 -22.92 -6.09
N MET A 30 23.08 -24.11 -6.30
CA MET A 30 23.67 -25.34 -5.78
C MET A 30 23.43 -26.53 -6.67
N SER A 31 24.53 -27.05 -7.16
CA SER A 31 24.48 -28.22 -8.02
C SER A 31 25.48 -29.26 -7.57
N THR A 32 25.12 -30.49 -7.83
CA THR A 32 25.94 -31.62 -7.48
C THR A 32 26.23 -32.51 -8.67
N SER A 33 27.52 -32.68 -8.91
CA SER A 33 28.04 -33.36 -10.09
C SER A 33 28.98 -34.51 -9.72
N LYS A 34 29.07 -35.48 -10.63
CA LYS A 34 29.94 -36.68 -10.45
C LYS A 34 31.44 -36.38 -10.52
N THR A 35 32.10 -36.39 -9.35
CA THR A 35 33.56 -36.19 -9.25
C THR A 35 34.31 -37.49 -9.52
N HIS A 40 31.36 -41.05 -6.39
CA HIS A 40 31.58 -39.79 -5.68
C HIS A 40 30.98 -38.58 -6.37
N ALA A 41 30.97 -37.48 -5.66
CA ALA A 41 30.30 -36.26 -6.13
C ALA A 41 30.84 -34.96 -5.53
N LYS A 42 30.59 -33.86 -6.25
CA LYS A 42 30.97 -32.51 -5.84
C LYS A 42 29.80 -31.59 -5.84
N VAL A 43 29.80 -30.70 -4.85
CA VAL A 43 28.78 -29.67 -4.72
C VAL A 43 29.36 -28.32 -5.09
N HIS A 44 28.86 -27.74 -6.17
CA HIS A 44 29.21 -26.35 -6.55
C HIS A 44 28.18 -25.41 -5.93
N LEU A 45 28.72 -24.41 -5.23
CA LEU A 45 27.94 -23.41 -4.52
C LEU A 45 28.22 -22.02 -5.00
N VAL A 46 27.14 -21.26 -5.09
CA VAL A 46 27.20 -19.80 -5.15
C VAL A 46 26.43 -19.25 -3.98
N GLY A 47 27.07 -18.31 -3.30
CA GLY A 47 26.50 -17.67 -2.13
C GLY A 47 26.59 -16.17 -2.16
N ILE A 48 25.59 -15.54 -1.59
CA ILE A 48 25.50 -14.10 -1.55
C ILE A 48 25.59 -13.54 -0.13
N ASP A 49 26.74 -12.97 0.17
CA ASP A 49 26.99 -12.25 1.46
C ASP A 49 25.73 -11.55 1.93
N ILE A 50 25.24 -11.93 3.10
CA ILE A 50 23.89 -11.52 3.53
C ILE A 50 23.82 -10.05 3.91
N PHE A 51 24.98 -9.40 3.87
CA PHE A 51 25.11 -7.96 4.30
C PHE A 51 25.56 -7.03 3.17
N THR A 52 26.52 -7.48 2.40
CA THR A 52 27.09 -6.68 1.35
C THR A 52 26.61 -7.15 0.00
N GLY A 53 26.10 -8.37 -0.05
CA GLY A 53 25.53 -8.92 -1.30
C GLY A 53 26.58 -9.48 -2.25
N LYS A 54 27.81 -9.50 -1.81
CA LYS A 54 28.90 -10.04 -2.63
C LYS A 54 28.76 -11.53 -2.82
N LYS A 55 29.03 -11.95 -4.06
CA LYS A 55 28.97 -13.34 -4.51
C LYS A 55 30.24 -14.08 -4.16
N TYR A 56 30.06 -15.19 -3.45
CA TYR A 56 31.14 -16.11 -3.20
C TYR A 56 30.83 -17.41 -3.84
N GLU A 57 31.88 -18.09 -4.24
CA GLU A 57 31.79 -19.35 -4.93
C GLU A 57 32.66 -20.38 -4.24
N ASP A 58 32.27 -21.64 -4.40
CA ASP A 58 33.08 -22.78 -3.89
C ASP A 58 32.57 -24.14 -4.33
N ILE A 59 33.53 -25.03 -4.59
CA ILE A 59 33.26 -26.40 -5.00
C ILE A 59 33.73 -27.34 -3.93
N CYS A 60 32.78 -28.06 -3.35
CA CYS A 60 33.01 -28.89 -2.16
C CYS A 60 32.62 -30.38 -2.34
N PRO A 61 33.50 -31.31 -1.91
CA PRO A 61 33.19 -32.77 -1.94
C PRO A 61 31.94 -33.06 -1.14
N SER A 62 31.01 -33.82 -1.73
CA SER A 62 29.62 -33.86 -1.22
C SER A 62 29.51 -34.23 0.25
N THR A 63 30.42 -35.11 0.68
CA THR A 63 30.40 -35.73 2.04
C THR A 63 31.26 -34.94 3.04
N HIS A 64 31.95 -33.94 2.52
CA HIS A 64 32.76 -33.02 3.34
C HIS A 64 31.82 -32.06 4.04
N ASN A 65 32.28 -31.53 5.14
CA ASN A 65 31.48 -30.55 5.90
C ASN A 65 31.84 -29.15 5.50
N MET A 66 30.93 -28.25 5.80
CA MET A 66 31.18 -26.80 5.72
C MET A 66 30.55 -26.10 6.90
N ASP A 67 30.98 -24.90 7.19
CA ASP A 67 30.40 -24.12 8.30
C ASP A 67 29.18 -23.34 7.86
N VAL A 68 28.16 -23.39 8.70
CA VAL A 68 26.94 -22.64 8.48
C VAL A 68 26.76 -21.62 9.57
N PRO A 69 26.37 -20.39 9.21
CA PRO A 69 26.21 -19.42 10.27
C PRO A 69 24.94 -19.61 11.03
N ASN A 70 25.07 -19.38 12.31
CA ASN A 70 23.94 -19.42 13.23
C ASN A 70 23.30 -18.07 13.25
N ILE A 71 22.25 -17.95 12.46
CA ILE A 71 21.59 -16.67 12.26
C ILE A 71 20.48 -16.51 13.23
N LYS A 72 20.51 -15.39 13.92
CA LYS A 72 19.42 -15.02 14.79
C LYS A 72 18.56 -14.01 14.07
N ARG A 73 17.28 -14.08 14.35
CA ARG A 73 16.24 -13.25 13.70
C ARG A 73 15.11 -12.89 14.66
N ASN A 74 15.02 -11.62 15.03
CA ASN A 74 13.93 -11.16 15.92
C ASN A 74 13.16 -9.95 15.38
N ASP A 75 11.91 -9.86 15.80
CA ASP A 75 11.02 -8.80 15.34
C ASP A 75 10.68 -7.78 16.38
N PHE A 76 10.97 -6.53 16.06
CA PHE A 76 10.74 -5.44 16.98
C PHE A 76 9.65 -4.55 16.44
N GLN A 77 9.09 -3.79 17.35
CA GLN A 77 8.08 -2.83 16.98
C GLN A 77 8.67 -1.48 16.75
N LEU A 78 8.26 -0.88 15.62
CA LEU A 78 8.73 0.45 15.24
C LEU A 78 7.86 1.46 15.91
N ILE A 79 8.48 2.27 16.74
CA ILE A 79 7.77 3.29 17.45
C ILE A 79 8.31 4.68 17.10
N GLY A 80 9.27 4.72 16.18
CA GLY A 80 9.82 5.98 15.72
C GLY A 80 10.97 5.91 14.77
N ILE A 81 11.11 6.98 14.02
CA ILE A 81 12.27 7.18 13.16
C ILE A 81 12.82 8.54 13.43
N GLN A 82 14.13 8.61 13.59
CA GLN A 82 14.79 9.89 13.85
C GLN A 82 16.23 9.90 13.35
N ASP A 83 16.54 10.93 12.61
CA ASP A 83 17.85 11.13 12.05
C ASP A 83 18.33 9.89 11.31
N GLY A 84 17.39 9.27 10.61
CA GLY A 84 17.68 8.12 9.76
C GLY A 84 17.77 6.82 10.53
N TYR A 85 17.52 6.89 11.84
CA TYR A 85 17.64 5.72 12.76
C TYR A 85 16.31 5.29 13.34
N LEU A 86 16.18 3.99 13.51
CA LEU A 86 14.95 3.37 13.95
C LEU A 86 14.89 3.29 15.46
N SER A 87 13.71 3.60 15.99
CA SER A 87 13.40 3.32 17.40
C SER A 87 12.57 2.07 17.42
N LEU A 88 13.18 1.03 17.96
CA LEU A 88 12.62 -0.32 17.97
C LEU A 88 12.40 -0.82 19.38
N LEU A 89 11.19 -1.30 19.60
CA LEU A 89 10.72 -1.76 20.92
C LEU A 89 10.61 -3.27 21.01
N GLN A 90 11.14 -3.79 22.13
CA GLN A 90 11.05 -5.23 22.50
C GLN A 90 9.95 -5.55 23.49
N ASP A 91 9.75 -6.84 23.69
CA ASP A 91 8.84 -7.35 24.75
C ASP A 91 9.35 -6.94 26.12
N SER A 92 10.68 -6.86 26.24
CA SER A 92 11.35 -6.59 27.52
C SER A 92 11.08 -5.17 27.96
N GLY A 93 10.54 -4.41 27.01
CA GLY A 93 10.23 -3.00 27.19
C GLY A 93 11.37 -2.11 26.73
N GLU A 94 12.51 -2.74 26.47
CA GLU A 94 13.69 -2.00 26.00
C GLU A 94 13.47 -1.46 24.61
N VAL A 95 13.91 -0.23 24.42
CA VAL A 95 13.91 0.42 23.12
C VAL A 95 15.33 0.65 22.63
N ARG A 96 15.59 0.30 21.38
CA ARG A 96 16.92 0.52 20.81
C ARG A 96 16.80 1.42 19.63
N GLU A 97 17.78 2.31 19.54
CA GLU A 97 17.81 3.35 18.50
C GLU A 97 19.08 3.28 17.71
N ASP A 98 19.70 2.10 17.70
CA ASP A 98 21.05 1.91 17.08
C ASP A 98 21.03 1.35 15.67
N LEU A 99 19.88 0.84 15.24
CA LEU A 99 19.76 0.27 13.91
C LEU A 99 19.29 1.30 12.88
N ARG A 100 20.09 1.43 11.83
CA ARG A 100 19.81 2.36 10.75
C ARG A 100 18.64 1.93 9.97
N LEU A 101 17.90 2.93 9.51
CA LEU A 101 16.86 2.71 8.51
C LEU A 101 17.49 2.04 7.28
N PRO A 102 16.96 0.87 6.89
CA PRO A 102 17.40 0.20 5.66
C PRO A 102 17.46 1.11 4.42
N GLU A 103 18.37 0.73 3.57
CA GLU A 103 18.65 1.43 2.33
C GLU A 103 17.57 1.12 1.34
N GLY A 104 17.50 1.99 0.35
CA GLY A 104 16.65 1.82 -0.81
C GLY A 104 15.18 1.71 -0.53
N ASP A 105 14.56 0.83 -1.31
CA ASP A 105 13.09 0.63 -1.28
C ASP A 105 12.57 0.18 0.08
N LEU A 106 13.32 -0.70 0.72
CA LEU A 106 12.88 -1.24 2.01
C LEU A 106 12.73 -0.08 2.96
N GLY A 107 13.72 0.80 2.91
CA GLY A 107 13.78 1.96 3.77
C GLY A 107 12.64 2.90 3.50
N LYS A 108 12.38 3.15 2.22
CA LYS A 108 11.26 4.04 1.81
C LYS A 108 9.93 3.46 2.22
N GLU A 109 9.81 2.15 2.05
CA GLU A 109 8.60 1.41 2.41
C GLU A 109 8.36 1.57 3.90
N ILE A 110 9.43 1.44 4.67
CA ILE A 110 9.34 1.50 6.13
C ILE A 110 8.90 2.89 6.58
N GLU A 111 9.44 3.92 5.94
CA GLU A 111 9.06 5.32 6.26
C GLU A 111 7.63 5.63 5.90
N GLN A 112 7.27 5.24 4.71
CA GLN A 112 5.93 5.55 4.21
C GLN A 112 4.92 4.94 5.14
N LYS A 113 5.17 3.67 5.49
CA LYS A 113 4.20 2.90 6.28
C LYS A 113 4.19 3.38 7.69
N TYR A 114 5.31 3.96 8.11
CA TYR A 114 5.41 4.53 9.47
C TYR A 114 4.68 5.85 9.58
N ASP A 115 4.91 6.70 8.58
CA ASP A 115 4.23 8.01 8.49
C ASP A 115 2.75 7.78 8.41
N CYS A 116 2.44 6.59 7.94
CA CYS A 116 1.07 6.14 7.70
C CYS A 116 0.27 6.05 8.95
N GLY A 117 0.95 5.62 10.00
CA GLY A 117 0.32 5.37 11.29
C GLY A 117 0.20 3.89 11.56
N GLU A 118 0.75 3.12 10.66
CA GLU A 118 0.61 1.67 10.71
C GLU A 118 1.53 1.04 11.75
N GLU A 119 1.03 0.00 12.42
CA GLU A 119 1.82 -0.79 13.39
C GLU A 119 2.73 -1.69 12.59
N ILE A 120 4.01 -1.40 12.71
CA ILE A 120 5.06 -2.03 11.89
C ILE A 120 5.99 -2.83 12.75
N LEU A 121 6.34 -4.02 12.27
CA LEU A 121 7.41 -4.81 12.87
C LEU A 121 8.56 -4.83 11.95
N ILE A 122 9.74 -4.68 12.53
CA ILE A 122 10.99 -4.71 11.77
C ILE A 122 11.80 -5.91 12.19
N THR A 123 12.22 -6.70 11.21
CA THR A 123 13.08 -7.86 11.42
C THR A 123 14.54 -7.44 11.49
N VAL A 124 15.13 -7.77 12.62
CA VAL A 124 16.55 -7.58 12.85
C VAL A 124 17.25 -8.94 12.72
N LEU A 125 18.42 -8.89 12.08
CA LEU A 125 19.19 -10.09 11.78
C LEU A 125 20.60 -9.99 12.30
N SER A 126 21.01 -11.01 13.05
CA SER A 126 22.38 -11.12 13.51
C SER A 126 23.02 -12.31 12.88
N ALA A 127 24.24 -12.11 12.43
CA ALA A 127 25.09 -13.24 12.00
C ALA A 127 26.56 -12.92 12.13
N MET A 128 27.26 -13.87 12.72
CA MET A 128 28.62 -13.68 13.16
C MET A 128 28.51 -12.44 14.07
N THR A 129 29.41 -11.48 13.99
CA THR A 129 29.32 -10.37 14.98
C THR A 129 28.45 -9.21 14.44
N GLU A 130 27.73 -9.50 13.35
CA GLU A 130 27.14 -8.45 12.50
C GLU A 130 25.64 -8.45 12.53
N GLU A 131 25.08 -7.24 12.42
CA GLU A 131 23.64 -7.01 12.61
C GLU A 131 23.06 -5.84 11.83
N ALA A 132 21.88 -6.08 11.27
CA ALA A 132 21.09 -5.02 10.61
C ALA A 132 19.59 -5.30 10.62
N ALA A 133 18.84 -4.27 10.23
CA ALA A 133 17.38 -4.39 10.05
C ALA A 133 17.16 -4.77 8.61
N VAL A 134 16.39 -5.84 8.39
CA VAL A 134 16.35 -6.47 7.05
C VAL A 134 15.00 -6.65 6.42
N ALA A 135 13.96 -6.38 7.19
CA ALA A 135 12.63 -6.57 6.67
C ALA A 135 11.57 -5.85 7.46
N ILE A 136 10.40 -5.78 6.86
CA ILE A 136 9.19 -5.17 7.44
C ILE A 136 8.05 -6.17 7.39
N LYS A 137 7.09 -6.02 8.30
CA LYS A 137 5.87 -6.87 8.32
C LYS A 137 4.57 -6.07 8.62
N SER B 2 -37.32 12.53 -4.35
CA SER B 2 -37.56 12.91 -5.80
C SER B 2 -36.20 13.19 -6.50
N ALA B 3 -36.06 12.66 -7.71
CA ALA B 3 -34.73 12.60 -8.40
C ALA B 3 -34.33 13.97 -8.96
N THR B 4 -35.29 14.63 -9.57
CA THR B 4 -35.05 15.95 -10.19
C THR B 4 -36.21 16.91 -9.92
N PHE B 5 -35.90 18.19 -10.00
CA PHE B 5 -36.85 19.27 -9.70
C PHE B 5 -36.80 20.30 -10.80
N PRO B 6 -37.97 20.78 -11.20
CA PRO B 6 -37.97 21.84 -12.16
C PRO B 6 -37.66 23.17 -11.54
N MET B 7 -36.85 23.93 -12.26
CA MET B 7 -36.53 25.30 -11.88
C MET B 7 -36.52 26.26 -13.06
N GLN B 8 -37.16 27.42 -12.85
CA GLN B 8 -37.14 28.53 -13.84
C GLN B 8 -35.70 28.75 -14.26
N CYS B 9 -35.51 28.87 -15.56
CA CYS B 9 -34.16 29.06 -16.10
C CYS B 9 -33.46 30.18 -15.36
N SER B 10 -34.22 31.25 -15.09
CA SER B 10 -33.69 32.51 -14.53
C SER B 10 -33.22 32.39 -13.09
N ALA B 11 -33.69 31.35 -12.40
CA ALA B 11 -33.40 31.18 -10.96
C ALA B 11 -32.12 30.39 -10.70
N LEU B 12 -31.40 30.08 -11.78
CA LEU B 12 -30.16 29.28 -11.72
C LEU B 12 -28.93 30.14 -11.43
N ARG B 13 -27.94 29.50 -10.82
CA ARG B 13 -26.72 30.19 -10.40
C ARG B 13 -25.47 29.31 -10.48
N LYS B 14 -24.33 29.99 -10.51
CA LYS B 14 -23.01 29.34 -10.52
C LYS B 14 -22.79 28.53 -9.25
N ASN B 15 -21.97 27.50 -9.40
CA ASN B 15 -21.67 26.56 -8.32
C ASN B 15 -22.86 25.64 -8.05
N GLY B 16 -24.01 25.99 -8.63
CA GLY B 16 -25.25 25.19 -8.54
C GLY B 16 -25.26 23.99 -9.46
N PHE B 17 -26.43 23.39 -9.61
CA PHE B 17 -26.57 22.17 -10.43
C PHE B 17 -27.79 22.18 -11.34
N VAL B 18 -27.63 21.52 -12.47
CA VAL B 18 -28.67 21.40 -13.51
C VAL B 18 -28.44 20.19 -14.42
N VAL B 19 -29.52 19.75 -15.05
CA VAL B 19 -29.43 18.66 -16.01
C VAL B 19 -29.19 19.26 -17.39
N LEU B 20 -28.00 18.98 -17.92
CA LEU B 20 -27.66 19.35 -19.29
C LEU B 20 -27.40 18.09 -20.08
N LYS B 21 -28.13 17.95 -21.17
CA LYS B 21 -28.04 16.80 -22.08
C LYS B 21 -28.14 15.48 -21.34
N GLY B 22 -29.00 15.47 -20.32
CA GLY B 22 -29.39 14.24 -19.58
C GLY B 22 -28.40 13.87 -18.48
N ARG B 23 -27.43 14.75 -18.29
CA ARG B 23 -26.38 14.48 -17.32
C ARG B 23 -26.42 15.49 -16.19
N PRO B 24 -26.15 15.03 -14.96
CA PRO B 24 -26.11 15.95 -13.85
C PRO B 24 -24.83 16.71 -13.83
N CYS B 25 -24.97 18.02 -13.81
CA CYS B 25 -23.87 18.92 -13.98
C CYS B 25 -23.83 19.96 -12.92
N LYS B 26 -22.61 20.36 -12.59
CA LYS B 26 -22.35 21.55 -11.80
C LYS B 26 -22.24 22.72 -12.74
N ILE B 27 -22.91 23.82 -12.39
CA ILE B 27 -22.89 25.04 -13.21
C ILE B 27 -21.63 25.88 -13.01
N VAL B 28 -20.91 26.07 -14.11
CA VAL B 28 -19.72 26.92 -14.13
C VAL B 28 -20.04 28.36 -14.58
N GLU B 29 -20.23 28.55 -15.89
CA GLU B 29 -20.44 29.89 -16.46
C GLU B 29 -21.89 30.32 -16.54
N MET B 30 -22.05 31.59 -16.92
CA MET B 30 -23.38 32.22 -17.14
C MET B 30 -23.29 33.46 -18.05
N SER B 31 -24.47 34.01 -18.34
CA SER B 31 -24.61 35.23 -19.14
C SER B 31 -25.73 36.13 -18.60
N VAL B 43 -29.39 33.33 -21.46
CA VAL B 43 -28.56 32.66 -20.46
C VAL B 43 -27.81 31.47 -21.04
N HIS B 44 -26.51 31.67 -21.22
CA HIS B 44 -25.60 30.58 -21.54
C HIS B 44 -25.44 29.79 -20.26
N LEU B 45 -25.49 28.47 -20.38
CA LEU B 45 -25.14 27.61 -19.25
C LEU B 45 -23.97 26.74 -19.64
N VAL B 46 -22.92 26.85 -18.85
CA VAL B 46 -21.77 25.98 -18.97
C VAL B 46 -21.72 25.16 -17.71
N GLY B 47 -21.72 23.85 -17.89
CA GLY B 47 -21.71 22.92 -16.76
C GLY B 47 -20.78 21.75 -16.96
N ILE B 48 -20.29 21.24 -15.84
CA ILE B 48 -19.40 20.06 -15.81
C ILE B 48 -20.03 18.86 -15.13
N ASP B 49 -20.11 17.79 -15.89
CA ASP B 49 -20.65 16.53 -15.41
C ASP B 49 -19.97 16.15 -14.10
N ILE B 50 -20.80 16.00 -13.08
CA ILE B 50 -20.35 15.77 -11.70
C ILE B 50 -19.79 14.35 -11.49
N PHE B 51 -19.83 13.55 -12.54
CA PHE B 51 -19.36 12.16 -12.46
C PHE B 51 -18.17 11.87 -13.33
N THR B 52 -18.37 12.09 -14.63
CA THR B 52 -17.36 11.79 -15.66
C THR B 52 -16.41 12.95 -15.85
N GLY B 53 -16.95 14.14 -15.69
CA GLY B 53 -16.17 15.36 -15.81
C GLY B 53 -16.39 16.08 -17.12
N LYS B 54 -16.97 15.39 -18.09
CA LYS B 54 -17.16 15.97 -19.43
C LYS B 54 -18.02 17.22 -19.37
N LYS B 55 -17.65 18.21 -20.19
CA LYS B 55 -18.28 19.57 -20.20
C LYS B 55 -19.41 19.75 -21.21
N TYR B 56 -20.54 20.25 -20.72
CA TYR B 56 -21.74 20.50 -21.54
C TYR B 56 -22.16 21.97 -21.58
N GLU B 57 -22.84 22.31 -22.67
CA GLU B 57 -23.37 23.67 -22.88
C GLU B 57 -24.85 23.65 -23.24
N ASP B 58 -25.52 24.77 -22.95
CA ASP B 58 -26.92 24.98 -23.40
C ASP B 58 -27.41 26.44 -23.41
N ILE B 59 -28.14 26.74 -24.47
CA ILE B 59 -28.95 27.97 -24.57
C ILE B 59 -30.27 27.69 -23.89
N CYS B 60 -31.13 28.70 -23.85
CA CYS B 60 -32.37 28.62 -23.06
C CYS B 60 -33.36 29.76 -23.28
N PRO B 61 -34.65 29.48 -23.05
CA PRO B 61 -35.59 30.58 -22.76
C PRO B 61 -35.51 30.98 -21.29
N SER B 62 -35.85 32.22 -21.01
CA SER B 62 -35.78 32.76 -19.64
C SER B 62 -36.92 32.22 -18.79
N THR B 63 -38.07 32.06 -19.44
CA THR B 63 -39.29 31.58 -18.80
C THR B 63 -39.47 30.08 -19.04
N HIS B 64 -38.37 29.35 -18.90
CA HIS B 64 -38.32 27.93 -19.29
C HIS B 64 -37.68 27.11 -18.19
N ASN B 65 -38.34 26.03 -17.84
CA ASN B 65 -37.93 25.19 -16.70
C ASN B 65 -36.90 24.13 -17.06
N MET B 66 -35.76 24.22 -16.38
CA MET B 66 -34.73 23.18 -16.46
C MET B 66 -34.92 22.24 -15.32
N ASP B 67 -34.39 21.05 -15.49
CA ASP B 67 -34.33 20.09 -14.41
C ASP B 67 -33.08 20.33 -13.64
N VAL B 68 -33.25 20.35 -12.34
CA VAL B 68 -32.14 20.47 -11.44
C VAL B 68 -32.03 19.09 -10.80
N PRO B 69 -30.83 18.49 -10.82
CA PRO B 69 -30.67 17.20 -10.14
C PRO B 69 -30.56 17.33 -8.63
N ASN B 70 -31.23 16.43 -7.95
CA ASN B 70 -31.10 16.28 -6.50
C ASN B 70 -29.79 15.57 -6.21
N ILE B 71 -28.89 16.28 -5.53
CA ILE B 71 -27.54 15.76 -5.23
C ILE B 71 -27.33 15.38 -3.78
N LYS B 72 -27.14 14.08 -3.60
CA LYS B 72 -26.98 13.44 -2.29
C LYS B 72 -25.56 12.98 -2.07
N ARG B 73 -24.99 13.46 -0.97
CA ARG B 73 -23.62 13.13 -0.51
C ARG B 73 -23.66 12.52 0.87
N ASN B 74 -23.08 11.33 0.98
CA ASN B 74 -23.08 10.62 2.25
C ASN B 74 -21.75 10.00 2.57
N ASP B 75 -21.47 9.99 3.86
CA ASP B 75 -20.21 9.56 4.34
C ASP B 75 -20.37 8.22 5.03
N PHE B 76 -19.47 7.31 4.69
CA PHE B 76 -19.48 5.96 5.24
C PHE B 76 -18.11 5.54 5.72
N GLN B 77 -18.11 4.76 6.79
CA GLN B 77 -16.89 4.17 7.26
C GLN B 77 -16.54 3.00 6.36
N LEU B 78 -15.39 3.14 5.71
CA LEU B 78 -14.78 2.05 4.96
C LEU B 78 -14.40 0.95 5.92
N ILE B 79 -15.16 -0.14 5.89
CA ILE B 79 -14.99 -1.26 6.82
C ILE B 79 -14.33 -2.45 6.14
N GLY B 80 -13.88 -2.23 4.91
CA GLY B 80 -13.21 -3.27 4.12
C GLY B 80 -13.07 -2.96 2.64
N ILE B 81 -12.08 -3.61 2.04
CA ILE B 81 -11.91 -3.62 0.57
C ILE B 81 -11.58 -5.03 0.09
N GLN B 82 -12.59 -5.69 -0.47
CA GLN B 82 -12.49 -7.11 -0.88
C GLN B 82 -12.74 -7.26 -2.36
N ASP B 83 -11.73 -7.78 -3.04
CA ASP B 83 -11.80 -8.07 -4.48
C ASP B 83 -12.38 -6.88 -5.28
N GLY B 84 -11.87 -5.70 -4.95
CA GLY B 84 -12.06 -4.50 -5.78
C GLY B 84 -13.26 -3.65 -5.45
N TYR B 85 -14.00 -4.08 -4.44
CA TYR B 85 -15.20 -3.36 -3.98
C TYR B 85 -15.04 -2.88 -2.56
N LEU B 86 -15.71 -1.77 -2.28
CA LEU B 86 -15.75 -1.14 -0.94
C LEU B 86 -16.84 -1.68 -0.03
N SER B 87 -16.48 -1.80 1.24
CA SER B 87 -17.41 -2.20 2.31
C SER B 87 -17.69 -1.03 3.23
N LEU B 88 -18.79 -0.37 2.98
CA LEU B 88 -19.12 0.90 3.63
C LEU B 88 -20.16 0.72 4.73
N LEU B 89 -19.80 1.14 5.93
CA LEU B 89 -20.68 1.03 7.08
C LEU B 89 -21.52 2.27 7.24
N GLN B 90 -22.81 2.10 7.01
CA GLN B 90 -23.79 3.15 7.28
C GLN B 90 -23.81 3.39 8.78
N ASP B 91 -23.65 4.66 9.16
CA ASP B 91 -23.71 5.08 10.59
C ASP B 91 -24.98 4.54 11.25
N SER B 92 -25.98 4.30 10.41
CA SER B 92 -27.30 3.81 10.82
C SER B 92 -27.39 2.28 10.84
N GLY B 93 -26.23 1.62 10.80
CA GLY B 93 -26.16 0.16 11.07
C GLY B 93 -25.55 -0.76 10.03
N GLU B 94 -26.16 -0.79 8.84
CA GLU B 94 -25.84 -1.79 7.79
C GLU B 94 -24.61 -1.41 6.96
N VAL B 95 -23.97 -2.44 6.42
CA VAL B 95 -22.81 -2.28 5.53
C VAL B 95 -23.29 -2.41 4.08
N ARG B 96 -22.38 -2.19 3.13
CA ARG B 96 -22.73 -2.33 1.69
C ARG B 96 -21.54 -2.39 0.75
N GLU B 97 -21.53 -3.45 -0.05
CA GLU B 97 -20.38 -3.83 -0.84
C GLU B 97 -20.58 -3.58 -2.32
N ASP B 98 -21.70 -2.94 -2.63
CA ASP B 98 -22.13 -2.72 -4.02
C ASP B 98 -21.29 -1.66 -4.74
N LEU B 99 -20.70 -0.76 -3.96
CA LEU B 99 -19.90 0.35 -4.53
C LEU B 99 -18.45 -0.07 -4.79
N ARG B 100 -18.02 0.19 -6.02
CA ARG B 100 -16.70 -0.20 -6.52
C ARG B 100 -15.62 0.80 -6.14
N LEU B 101 -14.40 0.28 -6.00
CA LEU B 101 -13.18 1.07 -5.75
C LEU B 101 -12.91 1.99 -6.97
N PRO B 102 -12.76 3.31 -6.75
CA PRO B 102 -12.58 4.24 -7.88
C PRO B 102 -11.29 4.05 -8.61
N GLU B 103 -11.30 4.48 -9.86
CA GLU B 103 -10.09 4.44 -10.66
C GLU B 103 -9.25 5.64 -10.29
N GLY B 104 -8.08 5.72 -10.92
CA GLY B 104 -7.11 6.80 -10.68
C GLY B 104 -6.53 6.87 -9.28
N ASP B 105 -5.97 8.04 -9.01
CA ASP B 105 -5.15 8.24 -7.81
C ASP B 105 -5.96 8.07 -6.54
N LEU B 106 -7.26 8.27 -6.66
CA LEU B 106 -8.15 8.25 -5.47
C LEU B 106 -8.29 6.86 -4.94
N GLY B 107 -8.42 5.92 -5.85
CA GLY B 107 -8.55 4.53 -5.50
C GLY B 107 -7.28 4.07 -4.83
N LYS B 108 -6.16 4.42 -5.47
CA LYS B 108 -4.82 4.01 -4.98
C LYS B 108 -4.67 4.49 -3.56
N GLU B 109 -5.21 5.67 -3.33
CA GLU B 109 -5.03 6.32 -2.05
C GLU B 109 -5.99 5.82 -0.99
N ILE B 110 -7.19 5.41 -1.41
CA ILE B 110 -8.13 4.77 -0.49
C ILE B 110 -7.51 3.44 -0.04
N GLU B 111 -7.00 2.68 -1.01
CA GLU B 111 -6.28 1.40 -0.71
C GLU B 111 -5.22 1.60 0.35
N GLN B 112 -4.36 2.56 0.08
CA GLN B 112 -3.14 2.74 0.87
C GLN B 112 -3.48 3.06 2.30
N LYS B 113 -4.40 3.99 2.45
CA LYS B 113 -4.80 4.47 3.78
C LYS B 113 -5.55 3.40 4.52
N TYR B 114 -6.29 2.59 3.77
CA TYR B 114 -7.05 1.49 4.35
C TYR B 114 -6.08 0.44 4.87
N ASP B 115 -5.16 0.06 4.00
CA ASP B 115 -4.15 -0.94 4.35
C ASP B 115 -3.32 -0.45 5.56
N CYS B 116 -3.30 0.86 5.72
CA CYS B 116 -2.56 1.54 6.83
C CYS B 116 -3.39 1.63 8.08
N GLY B 117 -4.62 1.14 7.97
CA GLY B 117 -5.54 1.09 9.10
C GLY B 117 -6.01 2.48 9.49
N GLU B 118 -5.90 3.38 8.53
CA GLU B 118 -6.23 4.78 8.74
C GLU B 118 -7.74 4.98 8.79
N GLU B 119 -8.21 5.44 9.94
CA GLU B 119 -9.66 5.65 10.17
C GLU B 119 -10.16 6.73 9.24
N ILE B 120 -10.96 6.30 8.25
CA ILE B 120 -11.44 7.21 7.21
C ILE B 120 -12.90 7.04 6.85
N LEU B 121 -13.40 8.08 6.24
CA LEU B 121 -14.76 8.09 5.72
C LEU B 121 -14.70 8.27 4.22
N ILE B 122 -15.70 7.69 3.58
CA ILE B 122 -15.85 7.80 2.14
C ILE B 122 -17.13 8.52 1.82
N THR B 123 -16.99 9.57 1.02
CA THR B 123 -18.15 10.31 0.50
C THR B 123 -18.65 9.68 -0.79
N VAL B 124 -19.90 9.21 -0.70
CA VAL B 124 -20.64 8.64 -1.83
C VAL B 124 -21.57 9.70 -2.40
N LEU B 125 -21.36 9.98 -3.68
CA LEU B 125 -22.12 10.97 -4.43
C LEU B 125 -23.20 10.26 -5.22
N SER B 126 -24.42 10.73 -5.04
CA SER B 126 -25.57 10.18 -5.74
C SER B 126 -26.34 11.25 -6.47
N ALA B 127 -26.66 10.92 -7.71
CA ALA B 127 -27.45 11.81 -8.58
C ALA B 127 -28.01 11.04 -9.77
N MET B 128 -29.25 11.37 -10.08
CA MET B 128 -30.03 10.66 -11.10
C MET B 128 -30.03 9.21 -10.69
N THR B 129 -29.61 8.37 -11.62
CA THR B 129 -29.64 6.93 -11.40
C THR B 129 -28.28 6.43 -10.92
N GLU B 130 -27.42 7.35 -10.50
CA GLU B 130 -25.99 7.03 -10.30
C GLU B 130 -25.42 7.31 -8.95
N GLU B 131 -24.48 6.44 -8.62
CA GLU B 131 -23.73 6.50 -7.37
C GLU B 131 -22.28 6.24 -7.61
N ALA B 132 -21.44 7.00 -6.91
CA ALA B 132 -19.98 6.82 -6.94
C ALA B 132 -19.28 7.33 -5.69
N ALA B 133 -18.29 6.57 -5.25
CA ALA B 133 -17.36 6.97 -4.20
C ALA B 133 -16.47 8.05 -4.77
N VAL B 134 -16.66 9.27 -4.28
CA VAL B 134 -16.12 10.45 -4.95
C VAL B 134 -15.04 11.15 -4.13
N ALA B 135 -14.99 10.80 -2.85
CA ALA B 135 -14.05 11.43 -1.93
C ALA B 135 -13.76 10.64 -0.67
N ILE B 136 -12.81 11.18 0.06
CA ILE B 136 -12.26 10.53 1.24
C ILE B 136 -11.98 11.60 2.31
N LYS B 137 -12.47 11.35 3.53
CA LYS B 137 -12.30 12.30 4.65
C LYS B 137 -11.57 11.69 5.83
N ALA B 138 -10.65 12.45 6.36
CA ALA B 138 -9.90 12.05 7.55
C ALA B 138 -10.65 12.47 8.82
UNK UNX C . 16.87 0.64 16.40
UNK UNX D . 15.49 -3.18 -0.76
UNK UNX E . 9.97 -2.47 -0.38
UNK UNX F . 2.82 7.68 12.86
UNK UNX G . 19.50 -9.95 16.24
UNK UNX H . 21.18 -1.17 7.77
#